data_7G8Y
#
_entry.id   7G8Y
#
_cell.length_a   71.029
_cell.length_b   71.029
_cell.length_c   196.454
_cell.angle_alpha   90.000
_cell.angle_beta   90.000
_cell.angle_gamma   90.000
#
_symmetry.space_group_name_H-M   'P 43 21 2'
#
loop_
_entity.id
_entity.type
_entity.pdbx_description
1 polymer 'Transforming protein RhoA'
2 polymer 'Rho guanine nucleotide exchange factor 2'
3 non-polymer N-(4-methoxyphenyl)glycinamide
4 non-polymer 'DIMETHYL SULFOXIDE'
5 non-polymer 'FORMIC ACID'
6 water water
#
loop_
_entity_poly.entity_id
_entity_poly.type
_entity_poly.pdbx_seq_one_letter_code
_entity_poly.pdbx_strand_id
1 'polypeptide(L)'
;SMAAIRKKLVIVGDGACGKTCLLIVFSKDQFPEVYVPTVFENYVADIEVDGKQVELALWDTAGQEDYDRLRPLSYPDTDV
ILMCFSIDSPDSLENIPEKWTPEVKHFCPNVPIILVGNKKDLRNDEHTRRELAKMKQEPVKPEEGRDMANRIGAFGYMEC
SAKTKDGVREVFEMATRAALQARRG
;
A
2 'polypeptide(L)'
;SMEMDEKDFAADSWSLAVDSSFLQQHKKEVMKQQDVIYELIQTELHHVRTLKIMTRLFRTGMLEELHLEPGVVQGLFPCV
DELSDIHTRFLSQLLERRRQALCPGSTRNFVIHRLGDLLISQFSGPSAEQMCKTYSEFCSRHSKALKLYKELYARDKRFQ
QFIRKVTRPAVLKRHGVQECILLVTQRITKYPLLISRILQHSHGIEEERQDLTTALGLVKELLSNVDEGIYQLEKGARLQ
EIYNR
;
B
#
loop_
_chem_comp.id
_chem_comp.type
_chem_comp.name
_chem_comp.formula
DMS non-polymer 'DIMETHYL SULFOXIDE' 'C2 H6 O S'
FMT non-polymer 'FORMIC ACID' 'C H2 O2'
WZY non-polymer N-(4-methoxyphenyl)glycinamide 'C9 H12 N2 O2'
#
# COMPACT_ATOMS: atom_id res chain seq x y z
N ALA A 4 -6.78 -12.25 -21.20
CA ALA A 4 -6.99 -12.26 -19.75
C ALA A 4 -7.85 -11.06 -19.32
N ILE A 5 -8.85 -11.30 -18.49
CA ILE A 5 -9.70 -10.21 -17.99
C ILE A 5 -9.05 -9.67 -16.70
N ARG A 6 -9.19 -8.38 -16.43
CA ARG A 6 -8.62 -7.76 -15.26
C ARG A 6 -9.65 -7.67 -14.12
N LYS A 7 -9.30 -8.19 -12.94
CA LYS A 7 -10.16 -8.15 -11.77
C LYS A 7 -9.39 -7.51 -10.60
N LYS A 8 -10.08 -6.92 -9.63
CA LYS A 8 -9.44 -6.26 -8.52
C LYS A 8 -9.86 -6.90 -7.20
N LEU A 9 -8.89 -7.20 -6.33
CA LEU A 9 -9.12 -7.80 -5.01
C LEU A 9 -8.59 -6.83 -3.95
N VAL A 10 -9.35 -6.62 -2.86
CA VAL A 10 -8.91 -5.82 -1.75
C VAL A 10 -9.05 -6.68 -0.47
N ILE A 11 -8.03 -6.64 0.41
CA ILE A 11 -8.10 -7.37 1.68
CA ILE A 11 -8.10 -7.36 1.68
C ILE A 11 -8.36 -6.36 2.81
N VAL A 12 -9.34 -6.67 3.65
CA VAL A 12 -9.73 -5.83 4.77
CA VAL A 12 -9.76 -5.84 4.76
C VAL A 12 -9.64 -6.65 6.08
N GLY A 13 -9.62 -5.97 7.20
CA GLY A 13 -9.53 -6.61 8.51
C GLY A 13 -8.67 -5.81 9.47
N ASP A 14 -8.69 -6.20 10.76
CA ASP A 14 -7.95 -5.52 11.80
C ASP A 14 -6.43 -5.55 11.55
N GLY A 15 -5.73 -4.63 12.21
CA GLY A 15 -4.29 -4.49 12.12
C GLY A 15 -3.47 -5.75 12.34
N ALA A 16 -3.86 -6.59 13.30
CA ALA A 16 -3.08 -7.81 13.57
C ALA A 16 -3.69 -9.07 12.93
N CYS A 17 -4.45 -8.92 11.83
CA CYS A 17 -5.12 -10.07 11.22
C CYS A 17 -4.24 -10.89 10.24
N GLY A 18 -3.06 -10.40 9.89
CA GLY A 18 -2.15 -11.09 8.97
C GLY A 18 -2.40 -10.85 7.49
N LYS A 19 -3.18 -9.81 7.13
CA LYS A 19 -3.49 -9.54 5.72
CA LYS A 19 -3.49 -9.54 5.72
C LYS A 19 -2.24 -9.21 4.89
N THR A 20 -1.29 -8.40 5.44
CA THR A 20 -0.09 -8.05 4.68
C THR A 20 0.75 -9.29 4.40
N CYS A 21 0.94 -10.14 5.41
CA CYS A 21 1.73 -11.36 5.24
CA CYS A 21 1.74 -11.36 5.21
C CYS A 21 1.08 -12.31 4.23
N LEU A 22 -0.25 -12.39 4.24
CA LEU A 22 -0.96 -13.25 3.29
C LEU A 22 -0.67 -12.80 1.81
N LEU A 23 -0.80 -11.49 1.53
CA LEU A 23 -0.51 -10.94 0.19
C LEU A 23 0.97 -11.14 -0.22
N ILE A 24 1.90 -10.96 0.72
CA ILE A 24 3.34 -11.14 0.44
C ILE A 24 3.61 -12.61 0.06
N VAL A 25 3.20 -13.55 0.91
CA VAL A 25 3.43 -14.97 0.65
C VAL A 25 2.82 -15.44 -0.70
N PHE A 26 1.60 -15.00 -1.03
CA PHE A 26 0.98 -15.39 -2.28
C PHE A 26 1.74 -14.81 -3.48
N SER A 27 2.09 -13.51 -3.44
CA SER A 27 2.75 -12.83 -4.55
C SER A 27 4.18 -13.34 -4.83
N LYS A 28 4.88 -13.79 -3.79
CA LYS A 28 6.22 -14.36 -3.97
C LYS A 28 6.18 -15.90 -4.11
N ASP A 29 5.03 -16.56 -3.78
CA ASP A 29 4.83 -18.02 -3.71
C ASP A 29 5.84 -18.61 -2.71
N GLN A 30 6.09 -17.90 -1.59
CA GLN A 30 7.09 -18.32 -0.63
C GLN A 30 6.98 -17.47 0.65
N PHE A 31 7.27 -18.06 1.83
CA PHE A 31 7.34 -17.26 3.05
C PHE A 31 8.80 -16.81 3.07
N PRO A 32 9.07 -15.49 2.93
CA PRO A 32 10.47 -15.01 2.87
C PRO A 32 11.38 -15.52 3.97
N GLU A 33 12.51 -16.10 3.58
CA GLU A 33 13.45 -16.68 4.53
C GLU A 33 14.42 -15.69 5.14
N VAL A 34 14.65 -14.55 4.49
CA VAL A 34 15.64 -13.58 4.98
C VAL A 34 15.00 -12.34 5.61
N TYR A 35 13.99 -11.77 4.96
CA TYR A 35 13.35 -10.57 5.47
C TYR A 35 11.90 -10.56 5.12
N VAL A 36 11.02 -10.37 6.10
CA VAL A 36 9.60 -10.29 5.82
C VAL A 36 9.25 -8.81 5.69
N PRO A 37 8.83 -8.36 4.50
CA PRO A 37 8.51 -6.93 4.34
C PRO A 37 7.48 -6.39 5.33
N THR A 38 7.64 -5.14 5.72
CA THR A 38 6.71 -4.46 6.61
C THR A 38 5.42 -4.10 5.86
N VAL A 39 5.55 -3.71 4.57
CA VAL A 39 4.39 -3.26 3.81
C VAL A 39 4.29 -3.97 2.44
N PHE A 40 3.14 -3.81 1.79
CA PHE A 40 2.85 -4.39 0.50
C PHE A 40 2.38 -3.24 -0.39
N GLU A 41 2.99 -3.02 -1.56
CA GLU A 41 2.58 -1.90 -2.43
C GLU A 41 1.30 -2.29 -3.24
N ASN A 42 1.49 -3.14 -4.24
CA ASN A 42 0.42 -3.77 -5.02
C ASN A 42 1.07 -4.91 -5.84
N TYR A 43 0.26 -5.68 -6.54
CA TYR A 43 0.78 -6.79 -7.36
C TYR A 43 -0.34 -7.16 -8.34
N VAL A 44 0.03 -7.65 -9.51
CA VAL A 44 -0.95 -8.11 -10.48
C VAL A 44 -0.60 -9.57 -10.74
N ALA A 45 -1.39 -10.50 -10.17
CA ALA A 45 -1.15 -11.93 -10.28
C ALA A 45 -1.74 -12.53 -11.56
N ASP A 46 -0.97 -13.40 -12.23
CA ASP A 46 -1.51 -14.13 -13.40
C ASP A 46 -2.07 -15.41 -12.81
N ILE A 47 -3.39 -15.59 -12.89
CA ILE A 47 -4.06 -16.76 -12.33
CA ILE A 47 -4.00 -16.80 -12.36
C ILE A 47 -4.92 -17.45 -13.39
N GLU A 48 -4.90 -18.78 -13.46
CA GLU A 48 -5.77 -19.51 -14.36
CA GLU A 48 -5.78 -19.51 -14.36
C GLU A 48 -6.67 -20.39 -13.49
N VAL A 49 -7.97 -20.08 -13.46
CA VAL A 49 -8.86 -20.85 -12.60
C VAL A 49 -10.00 -21.43 -13.41
N ASP A 50 -10.14 -22.76 -13.36
CA ASP A 50 -11.19 -23.47 -14.10
C ASP A 50 -11.17 -23.13 -15.59
N GLY A 51 -9.95 -23.01 -16.14
CA GLY A 51 -9.77 -22.75 -17.55
C GLY A 51 -9.82 -21.29 -17.97
N LYS A 52 -10.06 -20.35 -17.04
CA LYS A 52 -10.14 -18.93 -17.38
C LYS A 52 -8.92 -18.17 -16.91
N GLN A 53 -8.28 -17.38 -17.82
CA GLN A 53 -7.10 -16.58 -17.44
CA GLN A 53 -7.10 -16.60 -17.44
C GLN A 53 -7.52 -15.22 -16.91
N VAL A 54 -7.03 -14.86 -15.72
CA VAL A 54 -7.35 -13.57 -15.12
C VAL A 54 -6.09 -12.84 -14.63
N GLU A 55 -6.06 -11.51 -14.77
CA GLU A 55 -5.02 -10.68 -14.18
C GLU A 55 -5.69 -10.14 -12.91
N LEU A 56 -5.26 -10.59 -11.73
CA LEU A 56 -5.90 -10.19 -10.47
C LEU A 56 -5.03 -9.20 -9.74
N ALA A 57 -5.46 -7.93 -9.70
CA ALA A 57 -4.74 -6.88 -8.99
C ALA A 57 -5.01 -6.99 -7.50
N LEU A 58 -3.96 -7.01 -6.69
CA LEU A 58 -4.04 -7.21 -5.23
C LEU A 58 -3.73 -5.93 -4.44
N TRP A 59 -4.60 -5.57 -3.48
CA TRP A 59 -4.42 -4.37 -2.67
C TRP A 59 -4.63 -4.67 -1.19
N ASP A 60 -3.88 -4.01 -0.35
CA ASP A 60 -3.91 -4.11 1.11
C ASP A 60 -4.52 -2.79 1.65
N THR A 61 -5.22 -2.88 2.79
CA THR A 61 -5.74 -1.70 3.50
C THR A 61 -4.91 -1.44 4.81
N ALA A 62 -3.81 -2.17 5.04
CA ALA A 62 -2.98 -2.00 6.23
C ALA A 62 -2.46 -0.55 6.31
N GLY A 63 -2.55 0.03 7.51
CA GLY A 63 -2.18 1.42 7.74
C GLY A 63 -3.38 2.35 7.64
N GLN A 64 -4.48 1.91 6.99
CA GLN A 64 -5.67 2.76 6.82
C GLN A 64 -6.75 2.58 7.89
N GLU A 65 -6.56 1.64 8.83
CA GLU A 65 -7.55 1.29 9.84
C GLU A 65 -8.08 2.47 10.68
N ASP A 66 -7.23 3.45 11.02
CA ASP A 66 -7.68 4.59 11.83
C ASP A 66 -8.14 5.81 11.00
N TYR A 67 -8.11 5.71 9.66
CA TYR A 67 -8.40 6.87 8.80
C TYR A 67 -9.65 6.61 7.97
N ASP A 68 -10.81 7.03 8.52
CA ASP A 68 -12.13 6.74 7.95
C ASP A 68 -12.43 7.40 6.60
N ARG A 69 -11.73 8.47 6.26
CA ARG A 69 -11.94 9.11 4.96
C ARG A 69 -10.88 8.70 3.93
N LEU A 70 -9.69 8.22 4.36
CA LEU A 70 -8.68 7.76 3.40
C LEU A 70 -8.98 6.32 2.98
N ARG A 71 -9.37 5.46 3.96
CA ARG A 71 -9.59 4.04 3.74
C ARG A 71 -10.57 3.70 2.60
N PRO A 72 -11.75 4.32 2.49
CA PRO A 72 -12.67 3.99 1.39
C PRO A 72 -12.14 4.23 0.00
N LEU A 73 -11.08 5.06 -0.15
CA LEU A 73 -10.46 5.29 -1.45
C LEU A 73 -9.82 4.02 -2.04
N SER A 74 -9.62 2.97 -1.21
CA SER A 74 -9.11 1.70 -1.68
C SER A 74 -10.24 0.86 -2.37
N TYR A 75 -11.54 1.16 -2.10
CA TYR A 75 -12.66 0.35 -2.58
C TYR A 75 -13.17 0.52 -4.03
N PRO A 76 -13.08 1.69 -4.73
CA PRO A 76 -13.66 1.76 -6.09
C PRO A 76 -13.33 0.62 -7.03
N ASP A 77 -14.36 0.11 -7.71
CA ASP A 77 -14.30 -0.96 -8.70
C ASP A 77 -13.72 -2.27 -8.19
N THR A 78 -13.87 -2.55 -6.89
CA THR A 78 -13.41 -3.81 -6.33
C THR A 78 -14.30 -4.96 -6.87
N ASP A 79 -13.70 -6.10 -7.27
CA ASP A 79 -14.45 -7.25 -7.78
C ASP A 79 -14.64 -8.36 -6.72
N VAL A 80 -13.72 -8.45 -5.74
CA VAL A 80 -13.81 -9.43 -4.67
C VAL A 80 -13.14 -8.89 -3.40
N ILE A 81 -13.77 -9.11 -2.24
CA ILE A 81 -13.20 -8.71 -0.96
C ILE A 81 -12.74 -9.93 -0.17
N LEU A 82 -11.52 -9.90 0.38
CA LEU A 82 -11.12 -10.91 1.36
C LEU A 82 -11.24 -10.20 2.70
N MET A 83 -12.09 -10.70 3.59
CA MET A 83 -12.30 -10.09 4.90
CA MET A 83 -12.34 -10.12 4.90
C MET A 83 -11.59 -11.00 5.89
N CYS A 84 -10.49 -10.51 6.43
CA CYS A 84 -9.63 -11.32 7.27
CA CYS A 84 -9.62 -11.33 7.28
C CYS A 84 -9.79 -11.10 8.77
N PHE A 85 -9.55 -12.16 9.53
CA PHE A 85 -9.44 -12.19 10.98
C PHE A 85 -8.31 -13.20 11.28
N SER A 86 -7.72 -13.10 12.46
CA SER A 86 -6.69 -14.04 12.87
C SER A 86 -7.33 -15.08 13.82
N ILE A 87 -7.08 -16.37 13.59
CA ILE A 87 -7.57 -17.46 14.43
C ILE A 87 -6.98 -17.39 15.87
N ASP A 88 -5.79 -16.75 16.04
CA ASP A 88 -5.23 -16.53 17.39
C ASP A 88 -5.83 -15.28 18.08
N SER A 89 -6.86 -14.66 17.49
CA SER A 89 -7.44 -13.44 18.03
C SER A 89 -8.96 -13.45 17.93
N PRO A 90 -9.65 -14.07 18.89
CA PRO A 90 -11.13 -14.06 18.87
C PRO A 90 -11.70 -12.63 18.82
N ASP A 91 -10.97 -11.62 19.35
CA ASP A 91 -11.38 -10.22 19.30
C ASP A 91 -11.43 -9.70 17.86
N SER A 92 -10.49 -10.13 16.99
CA SER A 92 -10.53 -9.72 15.57
C SER A 92 -11.80 -10.27 14.86
N LEU A 93 -12.34 -11.42 15.31
CA LEU A 93 -13.53 -12.00 14.72
C LEU A 93 -14.79 -11.22 15.14
N GLU A 94 -14.82 -10.73 16.37
CA GLU A 94 -15.93 -9.95 16.88
C GLU A 94 -16.08 -8.57 16.18
N ASN A 95 -14.99 -8.02 15.64
CA ASN A 95 -15.06 -6.75 14.89
C ASN A 95 -15.59 -6.92 13.45
N ILE A 96 -15.69 -8.17 12.96
CA ILE A 96 -16.18 -8.43 11.62
C ILE A 96 -17.63 -7.99 11.36
N PRO A 97 -18.64 -8.41 12.16
CA PRO A 97 -20.03 -8.13 11.77
C PRO A 97 -20.53 -6.69 11.86
N GLU A 98 -20.05 -5.88 12.79
CA GLU A 98 -20.61 -4.55 12.94
C GLU A 98 -19.62 -3.41 12.71
N LYS A 99 -18.38 -3.71 12.24
CA LYS A 99 -17.47 -2.67 11.83
C LYS A 99 -17.11 -2.89 10.34
N TRP A 100 -16.40 -3.98 10.02
CA TRP A 100 -15.99 -4.24 8.65
C TRP A 100 -17.11 -4.57 7.68
N THR A 101 -18.08 -5.39 8.11
CA THR A 101 -19.15 -5.82 7.23
C THR A 101 -20.05 -4.67 6.74
N PRO A 102 -20.63 -3.82 7.61
CA PRO A 102 -21.45 -2.71 7.09
C PRO A 102 -20.65 -1.74 6.21
N GLU A 103 -19.34 -1.54 6.50
CA GLU A 103 -18.50 -0.66 5.66
C GLU A 103 -18.33 -1.23 4.23
N VAL A 104 -17.95 -2.50 4.11
CA VAL A 104 -17.74 -3.13 2.81
C VAL A 104 -19.07 -3.22 2.04
N LYS A 105 -20.19 -3.44 2.75
CA LYS A 105 -21.48 -3.50 2.04
C LYS A 105 -21.92 -2.15 1.50
N HIS A 106 -21.54 -1.06 2.18
CA HIS A 106 -21.87 0.31 1.77
C HIS A 106 -21.08 0.73 0.53
N PHE A 107 -19.74 0.55 0.56
CA PHE A 107 -18.84 0.99 -0.53
C PHE A 107 -18.70 -0.02 -1.67
N CYS A 108 -18.98 -1.32 -1.42
CA CYS A 108 -18.85 -2.37 -2.44
C CYS A 108 -20.16 -3.18 -2.51
N PRO A 109 -21.29 -2.54 -2.86
CA PRO A 109 -22.56 -3.28 -2.89
C PRO A 109 -22.52 -4.42 -3.88
N ASN A 110 -23.01 -5.58 -3.48
CA ASN A 110 -23.08 -6.74 -4.36
C ASN A 110 -21.71 -7.38 -4.69
N VAL A 111 -20.63 -6.95 -4.02
CA VAL A 111 -19.32 -7.53 -4.25
C VAL A 111 -19.19 -8.75 -3.35
N PRO A 112 -18.80 -9.93 -3.87
CA PRO A 112 -18.66 -11.10 -2.99
C PRO A 112 -17.58 -10.90 -1.93
N ILE A 113 -17.86 -11.34 -0.70
CA ILE A 113 -16.93 -11.27 0.42
C ILE A 113 -16.54 -12.69 0.80
N ILE A 114 -15.26 -12.97 0.92
CA ILE A 114 -14.82 -14.27 1.40
C ILE A 114 -14.24 -14.03 2.78
N LEU A 115 -14.81 -14.68 3.80
CA LEU A 115 -14.30 -14.51 5.16
C LEU A 115 -13.12 -15.49 5.29
N VAL A 116 -11.94 -14.98 5.64
CA VAL A 116 -10.75 -15.81 5.74
C VAL A 116 -10.16 -15.82 7.14
N GLY A 117 -9.99 -17.01 7.70
CA GLY A 117 -9.35 -17.16 9.00
C GLY A 117 -7.88 -17.41 8.78
N ASN A 118 -7.04 -16.41 9.11
CA ASN A 118 -5.59 -16.47 8.93
C ASN A 118 -4.89 -17.12 10.14
N LYS A 119 -3.58 -17.47 9.99
CA LYS A 119 -2.75 -18.01 11.05
C LYS A 119 -3.35 -19.29 11.66
N LYS A 120 -3.91 -20.15 10.82
CA LYS A 120 -4.56 -21.38 11.29
C LYS A 120 -3.61 -22.33 12.03
N ASP A 121 -2.30 -22.18 11.80
CA ASP A 121 -1.25 -22.97 12.45
C ASP A 121 -1.18 -22.68 13.97
N LEU A 122 -1.69 -21.52 14.42
CA LEU A 122 -1.67 -21.17 15.85
C LEU A 122 -2.80 -21.81 16.68
N ARG A 123 -3.76 -22.47 16.00
CA ARG A 123 -4.87 -23.17 16.66
C ARG A 123 -4.35 -24.30 17.57
N ASN A 124 -3.21 -24.90 17.21
CA ASN A 124 -2.62 -25.96 18.01
C ASN A 124 -1.20 -25.59 18.49
N ASP A 125 -0.99 -24.30 18.78
CA ASP A 125 0.26 -23.75 19.29
C ASP A 125 0.07 -23.56 20.80
N GLU A 126 0.96 -24.15 21.62
CA GLU A 126 0.79 -24.08 23.07
C GLU A 126 0.99 -22.69 23.65
N HIS A 127 1.92 -21.88 23.10
CA HIS A 127 2.10 -20.52 23.60
C HIS A 127 0.83 -19.68 23.38
N THR A 128 0.18 -19.86 22.22
CA THR A 128 -1.08 -19.18 21.88
C THR A 128 -2.18 -19.62 22.84
N ARG A 129 -2.34 -20.93 23.06
CA ARG A 129 -3.37 -21.44 23.96
C ARG A 129 -3.17 -20.94 25.41
N ARG A 130 -1.91 -20.88 25.88
CA ARG A 130 -1.64 -20.38 27.24
C ARG A 130 -1.99 -18.90 27.35
N GLU A 131 -1.48 -18.07 26.42
CA GLU A 131 -1.74 -16.63 26.45
C GLU A 131 -3.23 -16.29 26.38
N LEU A 132 -3.97 -16.94 25.47
CA LEU A 132 -5.40 -16.69 25.36
C LEU A 132 -6.17 -17.08 26.61
N ALA A 133 -5.81 -18.22 27.24
CA ALA A 133 -6.45 -18.71 28.48
C ALA A 133 -6.36 -17.73 29.66
N LYS A 134 -5.42 -16.79 29.62
CA LYS A 134 -5.31 -15.76 30.67
C LYS A 134 -6.47 -14.75 30.58
N MET A 135 -7.02 -14.52 29.36
CA MET A 135 -8.17 -13.64 29.19
C MET A 135 -9.47 -14.43 28.99
N LYS A 136 -9.56 -15.67 29.52
CA LYS A 136 -10.72 -16.57 29.40
C LYS A 136 -11.09 -16.75 27.93
N GLN A 137 -10.09 -17.09 27.10
CA GLN A 137 -10.29 -17.24 25.66
C GLN A 137 -9.61 -18.48 25.07
N GLU A 138 -9.97 -18.81 23.83
CA GLU A 138 -9.34 -19.90 23.11
C GLU A 138 -9.27 -19.58 21.62
N PRO A 139 -8.35 -20.22 20.85
CA PRO A 139 -8.30 -19.93 19.41
C PRO A 139 -9.67 -20.13 18.74
N VAL A 140 -9.97 -19.35 17.70
CA VAL A 140 -11.24 -19.44 16.98
C VAL A 140 -11.43 -20.86 16.44
N LYS A 141 -12.59 -21.45 16.70
CA LYS A 141 -12.92 -22.80 16.23
C LYS A 141 -13.42 -22.74 14.79
N PRO A 142 -13.23 -23.81 13.98
CA PRO A 142 -13.74 -23.77 12.60
C PRO A 142 -15.23 -23.43 12.48
N GLU A 143 -16.08 -23.98 13.36
CA GLU A 143 -17.51 -23.68 13.32
C GLU A 143 -17.83 -22.24 13.65
N GLU A 144 -17.02 -21.58 14.50
CA GLU A 144 -17.21 -20.18 14.84
C GLU A 144 -16.94 -19.29 13.62
N GLY A 145 -15.93 -19.64 12.84
CA GLY A 145 -15.60 -18.94 11.60
C GLY A 145 -16.68 -19.15 10.56
N ARG A 146 -17.13 -20.42 10.34
CA ARG A 146 -18.20 -20.71 9.38
C ARG A 146 -19.49 -19.96 9.76
N ASP A 147 -19.86 -19.99 11.05
CA ASP A 147 -21.09 -19.32 11.51
C ASP A 147 -21.04 -17.81 11.30
N MET A 148 -19.86 -17.19 11.47
CA MET A 148 -19.75 -15.73 11.24
C MET A 148 -19.91 -15.45 9.75
N ALA A 149 -19.26 -16.27 8.90
CA ALA A 149 -19.35 -16.11 7.47
C ALA A 149 -20.81 -16.26 6.98
N ASN A 150 -21.53 -17.24 7.53
CA ASN A 150 -22.94 -17.49 7.21
C ASN A 150 -23.78 -16.24 7.62
N ARG A 151 -23.59 -15.78 8.86
CA ARG A 151 -24.29 -14.62 9.42
C ARG A 151 -24.10 -13.32 8.59
N ILE A 152 -22.86 -13.01 8.16
CA ILE A 152 -22.61 -11.75 7.44
C ILE A 152 -22.93 -11.79 5.93
N GLY A 153 -23.41 -12.92 5.43
CA GLY A 153 -23.75 -13.04 4.02
C GLY A 153 -22.53 -13.25 3.14
N ALA A 154 -21.46 -13.84 3.69
CA ALA A 154 -20.26 -14.10 2.91
C ALA A 154 -20.52 -15.14 1.83
N PHE A 155 -19.85 -14.97 0.70
CA PHE A 155 -19.81 -15.91 -0.42
C PHE A 155 -19.33 -17.28 0.08
N GLY A 156 -18.37 -17.28 1.00
CA GLY A 156 -17.84 -18.49 1.59
C GLY A 156 -16.87 -18.24 2.72
N TYR A 157 -16.43 -19.33 3.36
CA TYR A 157 -15.48 -19.30 4.48
C TYR A 157 -14.27 -20.16 4.15
N MET A 158 -13.08 -19.64 4.40
CA MET A 158 -11.84 -20.37 4.12
C MET A 158 -10.81 -20.11 5.21
N GLU A 159 -9.86 -21.05 5.38
CA GLU A 159 -8.76 -20.87 6.35
C GLU A 159 -7.41 -21.07 5.66
N CYS A 160 -6.38 -20.42 6.19
CA CYS A 160 -5.03 -20.53 5.63
C CYS A 160 -3.98 -20.21 6.67
N SER A 161 -2.71 -20.49 6.33
CA SER A 161 -1.54 -20.19 7.13
C SER A 161 -0.49 -19.57 6.20
N ALA A 162 -0.24 -18.28 6.33
CA ALA A 162 0.81 -17.64 5.51
C ALA A 162 2.19 -18.24 5.87
N LYS A 163 2.41 -18.59 7.15
CA LYS A 163 3.65 -19.18 7.63
C LYS A 163 4.04 -20.47 6.91
N THR A 164 3.11 -21.43 6.75
CA THR A 164 3.37 -22.70 6.09
C THR A 164 2.89 -22.77 4.64
N LYS A 165 2.22 -21.71 4.14
CA LYS A 165 1.60 -21.61 2.81
C LYS A 165 0.33 -22.45 2.64
N ASP A 166 -0.05 -23.30 3.63
CA ASP A 166 -1.24 -24.12 3.49
C ASP A 166 -2.51 -23.32 3.30
N GLY A 167 -3.22 -23.60 2.22
CA GLY A 167 -4.49 -22.95 1.92
C GLY A 167 -4.39 -21.62 1.21
N VAL A 168 -3.19 -21.07 1.07
CA VAL A 168 -2.98 -19.77 0.44
C VAL A 168 -3.38 -19.76 -1.04
N ARG A 169 -2.84 -20.67 -1.86
CA ARG A 169 -3.21 -20.75 -3.28
C ARG A 169 -4.74 -20.90 -3.46
N GLU A 170 -5.37 -21.79 -2.67
CA GLU A 170 -6.80 -22.05 -2.76
C GLU A 170 -7.65 -20.79 -2.49
N VAL A 171 -7.25 -19.95 -1.52
CA VAL A 171 -7.98 -18.71 -1.21
C VAL A 171 -7.99 -17.78 -2.44
N PHE A 172 -6.81 -17.57 -3.08
CA PHE A 172 -6.72 -16.67 -4.22
C PHE A 172 -7.39 -17.27 -5.48
N GLU A 173 -7.35 -18.59 -5.66
CA GLU A 173 -8.05 -19.20 -6.79
C GLU A 173 -9.58 -19.06 -6.59
N MET A 174 -10.07 -19.25 -5.37
CA MET A 174 -11.50 -19.08 -5.09
C MET A 174 -11.91 -17.61 -5.23
N ALA A 175 -11.09 -16.68 -4.76
CA ALA A 175 -11.36 -15.25 -4.92
C ALA A 175 -11.47 -14.87 -6.41
N THR A 176 -10.64 -15.50 -7.26
CA THR A 176 -10.69 -15.24 -8.69
C THR A 176 -12.03 -15.74 -9.25
N ARG A 177 -12.44 -16.97 -8.88
CA ARG A 177 -13.75 -17.50 -9.28
C ARG A 177 -14.90 -16.58 -8.79
N ALA A 178 -14.83 -16.06 -7.55
CA ALA A 178 -15.89 -15.16 -7.04
C ALA A 178 -15.94 -13.89 -7.87
N ALA A 179 -14.76 -13.31 -8.21
CA ALA A 179 -14.66 -12.10 -9.03
C ALA A 179 -15.21 -12.32 -10.44
N LEU A 180 -15.16 -13.54 -10.97
CA LEU A 180 -15.67 -13.83 -12.31
C LEU A 180 -17.19 -13.95 -12.36
N GLN A 181 -17.85 -14.29 -11.24
CA GLN A 181 -19.30 -14.47 -11.23
C GLN A 181 -20.02 -13.18 -11.56
N SER B 1 13.27 5.51 -12.53
CA SER B 1 14.45 5.50 -11.66
CA SER B 1 14.44 5.51 -11.66
C SER B 1 15.74 5.45 -12.45
N MET B 2 16.84 5.89 -11.84
CA MET B 2 18.15 5.87 -12.47
C MET B 2 18.87 4.62 -12.06
N GLU B 3 19.62 4.03 -13.01
CA GLU B 3 20.28 2.74 -12.87
C GLU B 3 21.06 2.59 -11.55
N MET B 4 21.81 3.66 -11.18
CA MET B 4 22.62 3.66 -9.96
CA MET B 4 22.62 3.68 -9.97
C MET B 4 21.77 3.35 -8.73
N ASP B 5 20.62 4.02 -8.57
CA ASP B 5 19.76 3.82 -7.40
C ASP B 5 19.03 2.48 -7.47
N GLU B 6 18.66 2.05 -8.68
CA GLU B 6 18.01 0.75 -8.88
C GLU B 6 18.92 -0.37 -8.43
N LYS B 7 20.20 -0.33 -8.82
CA LYS B 7 21.14 -1.38 -8.46
C LYS B 7 21.40 -1.37 -6.95
N ASP B 8 21.52 -0.17 -6.35
CA ASP B 8 21.72 -0.05 -4.90
C ASP B 8 20.55 -0.63 -4.10
N PHE B 9 19.33 -0.64 -4.68
CA PHE B 9 18.13 -1.15 -4.01
C PHE B 9 17.52 -2.36 -4.75
N ALA B 10 18.35 -3.16 -5.45
CA ALA B 10 17.88 -4.34 -6.16
C ALA B 10 17.63 -5.54 -5.22
N ALA B 11 18.44 -5.69 -4.16
CA ALA B 11 18.30 -6.83 -3.25
C ALA B 11 17.02 -6.76 -2.41
N ASP B 12 16.51 -7.92 -1.96
CA ASP B 12 15.31 -7.94 -1.14
C ASP B 12 15.50 -7.35 0.26
N SER B 13 16.74 -7.17 0.70
CA SER B 13 17.00 -6.62 2.03
C SER B 13 18.39 -5.94 2.13
N TRP B 14 18.62 -5.19 3.21
CA TRP B 14 19.93 -4.60 3.47
C TRP B 14 20.98 -5.72 3.64
N SER B 15 20.61 -6.81 4.35
CA SER B 15 21.54 -7.93 4.62
CA SER B 15 21.50 -7.95 4.62
C SER B 15 22.00 -8.64 3.35
N LEU B 16 21.17 -8.59 2.28
CA LEU B 16 21.54 -9.16 0.97
C LEU B 16 22.16 -8.08 0.04
N ALA B 17 21.96 -6.78 0.33
CA ALA B 17 22.56 -5.70 -0.44
C ALA B 17 24.07 -5.50 -0.11
N VAL B 18 24.44 -5.54 1.16
CA VAL B 18 25.84 -5.32 1.57
C VAL B 18 26.69 -6.58 1.34
N ASP B 19 28.04 -6.45 1.33
CA ASP B 19 28.92 -7.62 1.19
C ASP B 19 28.73 -8.51 2.42
N SER B 20 28.77 -9.86 2.26
CA SER B 20 28.62 -10.75 3.42
C SER B 20 29.71 -10.56 4.48
N SER B 21 30.93 -10.20 4.06
CA SER B 21 32.02 -9.92 5.00
C SER B 21 31.77 -8.63 5.81
N PHE B 22 30.95 -7.70 5.29
CA PHE B 22 30.59 -6.49 6.02
C PHE B 22 29.42 -6.82 6.97
N LEU B 23 28.43 -7.59 6.50
CA LEU B 23 27.27 -8.04 7.30
C LEU B 23 27.75 -8.75 8.58
N GLN B 24 28.71 -9.68 8.42
CA GLN B 24 29.28 -10.46 9.52
C GLN B 24 29.85 -9.64 10.65
N GLN B 25 30.20 -8.38 10.39
CA GLN B 25 30.78 -7.52 11.43
C GLN B 25 29.73 -6.86 12.34
N HIS B 26 28.43 -7.02 12.06
CA HIS B 26 27.39 -6.36 12.84
C HIS B 26 26.53 -7.26 13.70
N LYS B 27 26.02 -6.72 14.80
CA LYS B 27 25.11 -7.47 15.66
C LYS B 27 23.75 -7.61 14.98
N LYS B 28 23.00 -8.67 15.36
CA LYS B 28 21.68 -8.99 14.80
C LYS B 28 20.73 -7.79 14.88
N GLU B 29 20.73 -7.05 16.00
CA GLU B 29 19.83 -5.92 16.17
C GLU B 29 20.09 -4.81 15.15
N VAL B 30 21.36 -4.58 14.80
CA VAL B 30 21.75 -3.58 13.80
C VAL B 30 21.25 -4.03 12.43
N MET B 31 21.39 -5.32 12.11
CA MET B 31 20.91 -5.85 10.83
CA MET B 31 20.90 -5.86 10.84
C MET B 31 19.38 -5.66 10.74
N LYS B 32 18.64 -5.95 11.85
CA LYS B 32 17.18 -5.81 11.84
C LYS B 32 16.81 -4.34 11.61
N GLN B 33 17.46 -3.41 12.32
CA GLN B 33 17.23 -1.98 12.11
C GLN B 33 17.49 -1.58 10.63
N GLN B 34 18.64 -1.99 10.08
CA GLN B 34 19.04 -1.61 8.73
C GLN B 34 18.14 -2.20 7.63
N ASP B 35 17.61 -3.40 7.87
CA ASP B 35 16.71 -4.02 6.89
C ASP B 35 15.42 -3.16 6.73
N VAL B 36 14.87 -2.60 7.84
CA VAL B 36 13.62 -1.80 7.75
C VAL B 36 13.93 -0.41 7.17
N ILE B 37 15.09 0.16 7.51
CA ILE B 37 15.49 1.47 6.93
C ILE B 37 15.64 1.34 5.42
N TYR B 38 16.27 0.23 4.98
CA TYR B 38 16.43 -0.09 3.55
C TYR B 38 15.04 -0.21 2.90
N GLU B 39 14.08 -0.88 3.54
CA GLU B 39 12.71 -0.99 2.99
C GLU B 39 12.07 0.40 2.84
N LEU B 40 12.23 1.29 3.82
CA LEU B 40 11.67 2.65 3.74
C LEU B 40 12.24 3.38 2.48
N ILE B 41 13.58 3.32 2.30
CA ILE B 41 14.20 4.02 1.17
C ILE B 41 13.82 3.34 -0.14
N GLN B 42 13.84 2.00 -0.19
CA GLN B 42 13.49 1.27 -1.40
C GLN B 42 12.03 1.59 -1.85
N THR B 43 11.07 1.58 -0.90
CA THR B 43 9.66 1.91 -1.24
C THR B 43 9.52 3.39 -1.61
N GLU B 44 10.33 4.28 -1.02
CA GLU B 44 10.31 5.71 -1.41
C GLU B 44 10.83 5.87 -2.84
N LEU B 45 11.91 5.13 -3.19
CA LEU B 45 12.45 5.12 -4.57
C LEU B 45 11.35 4.66 -5.56
N HIS B 46 10.60 3.60 -5.20
CA HIS B 46 9.51 3.11 -6.05
C HIS B 46 8.34 4.13 -6.15
N HIS B 47 8.05 4.83 -5.05
CA HIS B 47 6.94 5.80 -5.02
C HIS B 47 7.29 7.01 -5.92
N VAL B 48 8.55 7.48 -5.87
CA VAL B 48 9.00 8.59 -6.74
C VAL B 48 8.90 8.11 -8.21
N ARG B 49 9.26 6.86 -8.48
CA ARG B 49 9.15 6.25 -9.80
C ARG B 49 7.66 6.23 -10.29
N THR B 50 6.70 5.87 -9.40
CA THR B 50 5.27 5.91 -9.72
C THR B 50 4.88 7.35 -10.14
N LEU B 51 5.36 8.36 -9.40
CA LEU B 51 5.06 9.76 -9.75
C LEU B 51 5.70 10.15 -11.10
N LYS B 52 6.91 9.65 -11.44
CA LYS B 52 7.52 9.93 -12.76
C LYS B 52 6.71 9.28 -13.90
N ILE B 53 6.18 8.06 -13.71
CA ILE B 53 5.31 7.42 -14.72
C ILE B 53 4.07 8.32 -14.95
N MET B 54 3.47 8.83 -13.87
CA MET B 54 2.29 9.71 -13.97
C MET B 54 2.64 11.04 -14.69
N THR B 55 3.74 11.69 -14.30
CA THR B 55 4.11 12.99 -14.94
C THR B 55 4.67 12.84 -16.36
N ARG B 56 5.67 11.99 -16.55
CA ARG B 56 6.35 11.86 -17.84
C ARG B 56 5.73 10.90 -18.83
N LEU B 57 5.24 9.72 -18.37
CA LEU B 57 4.70 8.77 -19.34
C LEU B 57 3.25 9.10 -19.68
N PHE B 58 2.39 9.25 -18.67
CA PHE B 58 0.98 9.50 -18.90
C PHE B 58 0.65 10.97 -19.22
N ARG B 59 0.85 11.88 -18.27
CA ARG B 59 0.49 13.30 -18.42
C ARG B 59 1.12 13.94 -19.66
N THR B 60 2.46 13.91 -19.76
CA THR B 60 3.15 14.55 -20.87
C THR B 60 2.81 13.84 -22.18
N GLY B 61 2.71 12.51 -22.17
CA GLY B 61 2.32 11.77 -23.37
C GLY B 61 0.97 12.18 -23.91
N MET B 62 -0.01 12.42 -23.01
CA MET B 62 -1.35 12.85 -23.41
C MET B 62 -1.32 14.26 -23.98
N LEU B 63 -0.54 15.18 -23.36
CA LEU B 63 -0.42 16.54 -23.87
C LEU B 63 0.25 16.56 -25.24
N GLU B 64 1.26 15.71 -25.45
CA GLU B 64 2.00 15.73 -26.72
C GLU B 64 1.43 14.89 -27.89
N GLU B 65 0.66 13.82 -27.60
N GLU B 65 0.97 13.67 -27.63
CA GLU B 65 0.05 12.96 -28.63
CA GLU B 65 0.52 12.79 -28.71
C GLU B 65 -1.47 13.14 -28.82
C GLU B 65 -0.97 12.86 -28.97
N LEU B 66 -2.21 13.50 -27.75
N LEU B 66 -1.75 13.05 -27.92
CA LEU B 66 -3.67 13.57 -27.85
CA LEU B 66 -3.20 13.18 -28.06
C LEU B 66 -4.24 14.99 -27.92
C LEU B 66 -3.65 14.64 -28.19
N HIS B 67 -5.48 15.12 -28.43
N HIS B 67 -2.79 15.60 -27.77
CA HIS B 67 -6.14 16.41 -28.51
CA HIS B 67 -3.09 17.04 -27.75
C HIS B 67 -7.26 16.43 -27.48
C HIS B 67 -4.36 17.30 -26.96
N LEU B 68 -6.91 16.34 -26.20
N LEU B 68 -4.48 16.63 -25.81
CA LEU B 68 -7.91 16.36 -25.13
CA LEU B 68 -5.65 16.76 -24.94
C LEU B 68 -8.33 17.78 -24.81
C LEU B 68 -5.66 18.12 -24.26
N GLU B 69 -9.56 17.96 -24.35
N GLU B 69 -6.86 18.57 -23.88
CA GLU B 69 -10.09 19.27 -23.97
CA GLU B 69 -7.07 19.84 -23.19
C GLU B 69 -9.27 19.86 -22.81
C GLU B 69 -6.37 19.79 -21.84
N PRO B 70 -9.08 21.19 -22.77
N PRO B 70 -5.57 20.83 -21.52
CA PRO B 70 -8.29 21.78 -21.66
CA PRO B 70 -4.83 20.83 -20.25
C PRO B 70 -8.87 21.46 -20.27
C PRO B 70 -5.68 20.61 -18.99
N GLY B 71 -7.98 21.19 -19.32
N GLY B 71 -6.90 21.12 -19.00
CA GLY B 71 -8.39 20.84 -17.97
CA GLY B 71 -7.83 20.96 -17.87
C GLY B 71 -8.72 19.37 -17.78
C GLY B 71 -8.26 19.52 -17.70
N VAL B 72 -8.62 18.56 -18.84
N VAL B 72 -8.42 18.78 -18.81
CA VAL B 72 -8.88 17.13 -18.74
CA VAL B 72 -8.80 17.36 -18.77
C VAL B 72 -7.65 16.41 -18.18
C VAL B 72 -7.67 16.54 -18.18
N VAL B 73 -6.43 16.75 -18.66
CA VAL B 73 -5.23 16.09 -18.15
C VAL B 73 -4.98 16.42 -16.66
N GLN B 74 -5.27 17.68 -16.25
CA GLN B 74 -5.17 18.11 -14.85
CA GLN B 74 -5.15 18.10 -14.85
C GLN B 74 -6.13 17.31 -13.96
N GLY B 75 -7.33 17.02 -14.48
CA GLY B 75 -8.34 16.26 -13.76
C GLY B 75 -7.94 14.80 -13.58
N LEU B 76 -7.19 14.25 -14.54
CA LEU B 76 -6.71 12.87 -14.49
C LEU B 76 -5.54 12.76 -13.52
N PHE B 77 -4.64 13.77 -13.47
CA PHE B 77 -3.44 13.72 -12.63
C PHE B 77 -3.34 14.95 -11.71
N PRO B 78 -4.27 15.11 -10.75
CA PRO B 78 -4.22 16.31 -9.90
C PRO B 78 -2.96 16.32 -9.03
N CYS B 79 -2.31 17.50 -8.85
CA CYS B 79 -1.16 17.73 -7.94
C CYS B 79 0.09 16.91 -8.21
N VAL B 80 0.21 16.25 -9.37
CA VAL B 80 1.35 15.36 -9.62
CA VAL B 80 1.32 15.35 -9.61
C VAL B 80 2.69 16.08 -9.59
N ASP B 81 2.76 17.34 -10.08
CA ASP B 81 4.04 18.08 -10.04
C ASP B 81 4.43 18.41 -8.58
N GLU B 82 3.47 18.82 -7.77
CA GLU B 82 3.72 19.16 -6.38
C GLU B 82 4.15 17.90 -5.62
N LEU B 83 3.46 16.77 -5.86
CA LEU B 83 3.78 15.50 -5.21
C LEU B 83 5.18 15.05 -5.59
N SER B 84 5.53 15.18 -6.89
CA SER B 84 6.84 14.78 -7.37
C SER B 84 7.93 15.62 -6.70
N ASP B 85 7.70 16.93 -6.56
CA ASP B 85 8.65 17.82 -5.87
C ASP B 85 8.87 17.42 -4.40
N ILE B 86 7.81 17.20 -3.66
CA ILE B 86 7.92 16.79 -2.23
C ILE B 86 8.72 15.48 -2.08
N HIS B 87 8.35 14.43 -2.84
CA HIS B 87 8.95 13.13 -2.67
C HIS B 87 10.33 13.02 -3.30
N THR B 88 10.60 13.73 -4.41
CA THR B 88 11.95 13.69 -5.01
C THR B 88 12.94 14.35 -4.03
N ARG B 89 12.53 15.45 -3.35
CA ARG B 89 13.38 16.09 -2.38
C ARG B 89 13.61 15.17 -1.20
N PHE B 90 12.55 14.50 -0.70
CA PHE B 90 12.66 13.60 0.45
C PHE B 90 13.60 12.43 0.09
N LEU B 91 13.40 11.83 -1.08
CA LEU B 91 14.25 10.75 -1.60
C LEU B 91 15.72 11.21 -1.71
N SER B 92 15.96 12.46 -2.20
CA SER B 92 17.33 12.97 -2.30
CA SER B 92 17.32 12.99 -2.30
C SER B 92 18.00 12.99 -0.93
N GLN B 93 17.27 13.44 0.10
CA GLN B 93 17.78 13.46 1.47
C GLN B 93 18.10 12.05 2.01
N LEU B 94 17.22 11.08 1.79
CA LEU B 94 17.42 9.69 2.24
C LEU B 94 18.65 9.08 1.56
N LEU B 95 18.78 9.27 0.23
CA LEU B 95 19.89 8.72 -0.55
C LEU B 95 21.21 9.39 -0.19
N GLU B 96 21.19 10.69 0.16
CA GLU B 96 22.43 11.38 0.55
C GLU B 96 22.90 10.88 1.95
N ARG B 97 21.96 10.58 2.85
CA ARG B 97 22.27 10.04 4.18
C ARG B 97 22.97 8.67 4.02
N ARG B 98 22.46 7.81 3.12
CA ARG B 98 23.07 6.52 2.81
C ARG B 98 24.46 6.75 2.18
N ARG B 99 24.54 7.63 1.16
CA ARG B 99 25.80 7.89 0.48
C ARG B 99 26.93 8.34 1.45
N GLN B 100 26.63 9.31 2.34
CA GLN B 100 27.59 9.77 3.35
C GLN B 100 28.02 8.65 4.28
N ALA B 101 27.15 7.66 4.53
CA ALA B 101 27.48 6.56 5.43
C ALA B 101 28.30 5.42 4.78
N LEU B 102 28.52 5.46 3.45
CA LEU B 102 29.28 4.37 2.79
C LEU B 102 30.74 4.31 3.30
N CYS B 103 31.28 3.09 3.41
CA CYS B 103 32.68 2.91 3.77
C CYS B 103 33.52 3.35 2.58
N PRO B 104 34.67 3.98 2.82
CA PRO B 104 35.59 4.27 1.71
C PRO B 104 35.97 3.01 0.95
N GLY B 105 35.96 3.07 -0.36
CA GLY B 105 36.25 1.91 -1.20
C GLY B 105 35.03 1.05 -1.46
N SER B 106 33.83 1.48 -0.99
CA SER B 106 32.62 0.72 -1.22
C SER B 106 31.49 1.57 -1.76
N THR B 107 30.72 1.01 -2.69
CA THR B 107 29.48 1.65 -3.13
C THR B 107 28.25 0.93 -2.55
N ARG B 108 28.42 -0.05 -1.63
CA ARG B 108 27.25 -0.72 -1.07
C ARG B 108 27.24 -0.94 0.42
N ASN B 109 28.39 -0.84 1.10
CA ASN B 109 28.48 -1.07 2.55
C ASN B 109 28.30 0.20 3.36
N PHE B 110 27.21 0.27 4.13
CA PHE B 110 26.89 1.45 4.95
C PHE B 110 25.97 1.03 6.11
N VAL B 111 25.88 1.89 7.13
CA VAL B 111 24.98 1.73 8.26
C VAL B 111 24.41 3.13 8.52
N ILE B 112 23.10 3.29 8.53
CA ILE B 112 22.48 4.58 8.83
C ILE B 112 22.09 4.56 10.32
N HIS B 113 22.81 5.33 11.11
CA HIS B 113 22.53 5.38 12.56
C HIS B 113 21.58 6.52 12.95
N ARG B 114 21.42 7.57 12.12
N ARG B 114 21.52 7.54 12.12
CA ARG B 114 20.65 8.76 12.53
CA ARG B 114 20.70 8.69 12.39
C ARG B 114 19.45 9.21 11.64
C ARG B 114 19.73 8.87 11.23
N LEU B 115 18.56 8.29 11.32
N LEU B 115 18.49 8.47 11.46
CA LEU B 115 17.39 8.59 10.51
CA LEU B 115 17.39 8.62 10.51
C LEU B 115 16.33 9.53 11.14
C LEU B 115 16.32 9.53 11.13
N GLY B 116 16.08 9.39 12.44
CA GLY B 116 15.08 10.17 13.16
C GLY B 116 15.04 11.66 12.87
N ASP B 117 16.21 12.32 12.87
CA ASP B 117 16.29 13.77 12.63
CA ASP B 117 16.27 13.76 12.63
C ASP B 117 15.81 14.15 11.23
N LEU B 118 16.09 13.31 10.25
CA LEU B 118 15.68 13.55 8.86
C LEU B 118 14.15 13.43 8.79
N LEU B 119 13.58 12.39 9.44
CA LEU B 119 12.12 12.20 9.46
C LEU B 119 11.40 13.33 10.21
N ILE B 120 11.97 13.84 11.33
CA ILE B 120 11.36 14.99 12.05
C ILE B 120 11.33 16.20 11.12
N SER B 121 12.43 16.44 10.39
CA SER B 121 12.50 17.57 9.46
CA SER B 121 12.52 17.56 9.45
C SER B 121 11.45 17.42 8.35
N GLN B 122 11.35 16.25 7.75
CA GLN B 122 10.37 16.03 6.69
C GLN B 122 8.91 16.24 7.16
N PHE B 123 8.59 15.76 8.37
CA PHE B 123 7.24 15.79 8.89
C PHE B 123 6.95 16.94 9.87
N SER B 124 7.71 18.06 9.77
CA SER B 124 7.44 19.26 10.57
C SER B 124 7.67 20.52 9.71
N GLY B 125 7.24 21.68 10.19
CA GLY B 125 7.44 22.95 9.48
C GLY B 125 6.80 23.05 8.10
N PRO B 126 7.34 23.94 7.26
CA PRO B 126 6.76 24.11 5.91
C PRO B 126 6.62 22.84 5.08
N SER B 127 7.61 21.91 5.12
CA SER B 127 7.46 20.70 4.30
C SER B 127 6.22 19.87 4.76
N ALA B 128 5.95 19.83 6.07
CA ALA B 128 4.76 19.13 6.56
C ALA B 128 3.46 19.83 6.11
N GLU B 129 3.42 21.19 6.15
CA GLU B 129 2.25 21.96 5.69
C GLU B 129 1.99 21.70 4.22
N GLN B 130 3.06 21.67 3.41
CA GLN B 130 2.93 21.41 1.99
CA GLN B 130 2.98 21.39 1.98
C GLN B 130 2.43 19.98 1.74
N MET B 131 2.92 18.98 2.50
CA MET B 131 2.44 17.60 2.36
C MET B 131 0.96 17.52 2.74
N CYS B 132 0.55 18.19 3.83
CA CYS B 132 -0.85 18.18 4.27
C CYS B 132 -1.76 18.82 3.21
N LYS B 133 -1.36 19.98 2.70
CA LYS B 133 -2.17 20.68 1.68
C LYS B 133 -2.30 19.88 0.38
N THR B 134 -1.18 19.28 -0.07
CA THR B 134 -1.13 18.54 -1.32
C THR B 134 -1.93 17.23 -1.26
N TYR B 135 -1.77 16.42 -0.19
CA TYR B 135 -2.54 15.17 -0.07
C TYR B 135 -4.03 15.41 0.20
N SER B 136 -4.37 16.52 0.90
CA SER B 136 -5.80 16.83 1.15
C SER B 136 -6.47 17.13 -0.21
N GLU B 137 -5.78 17.89 -1.10
CA GLU B 137 -6.26 18.21 -2.44
C GLU B 137 -6.29 16.91 -3.31
N PHE B 138 -5.17 16.13 -3.34
CA PHE B 138 -5.07 14.91 -4.15
C PHE B 138 -6.13 13.86 -3.77
N CYS B 139 -6.21 13.52 -2.50
CA CYS B 139 -7.15 12.51 -2.02
C CYS B 139 -8.61 12.94 -2.18
N SER B 140 -8.91 14.26 -2.14
CA SER B 140 -10.27 14.74 -2.42
C SER B 140 -10.61 14.70 -3.93
N ARG B 141 -9.59 14.61 -4.80
CA ARG B 141 -9.79 14.56 -6.26
C ARG B 141 -9.61 13.16 -6.87
N HIS B 142 -9.36 12.15 -6.02
CA HIS B 142 -9.06 10.77 -6.36
C HIS B 142 -10.22 10.11 -7.11
N SER B 143 -11.44 10.14 -6.55
CA SER B 143 -12.59 9.50 -7.19
CA SER B 143 -12.62 9.53 -7.16
C SER B 143 -12.93 10.17 -8.52
N LYS B 144 -12.76 11.51 -8.60
CA LYS B 144 -13.04 12.23 -9.84
C LYS B 144 -12.06 11.83 -10.94
N ALA B 145 -10.77 11.64 -10.59
CA ALA B 145 -9.75 11.24 -11.55
C ALA B 145 -10.09 9.87 -12.14
N LEU B 146 -10.48 8.90 -11.29
CA LEU B 146 -10.83 7.54 -11.72
C LEU B 146 -12.04 7.53 -12.66
N LYS B 147 -13.07 8.32 -12.35
CA LYS B 147 -14.27 8.37 -13.20
C LYS B 147 -13.98 9.03 -14.53
N LEU B 148 -13.14 10.08 -14.53
CA LEU B 148 -12.73 10.76 -15.76
C LEU B 148 -11.93 9.79 -16.64
N TYR B 149 -11.06 8.98 -16.01
CA TYR B 149 -10.26 7.99 -16.73
C TYR B 149 -11.17 6.98 -17.42
N LYS B 150 -12.14 6.44 -16.66
CA LYS B 150 -13.07 5.43 -17.15
C LYS B 150 -13.94 5.94 -18.28
N GLU B 151 -14.35 7.20 -18.22
CA GLU B 151 -15.16 7.81 -19.27
CA GLU B 151 -15.16 7.80 -19.28
C GLU B 151 -14.34 7.92 -20.57
N LEU B 152 -13.13 8.46 -20.48
CA LEU B 152 -12.24 8.63 -21.63
C LEU B 152 -11.86 7.30 -22.27
N TYR B 153 -11.54 6.28 -21.46
CA TYR B 153 -11.14 4.97 -22.01
C TYR B 153 -12.30 4.33 -22.80
N ALA B 154 -13.53 4.52 -22.34
CA ALA B 154 -14.69 3.90 -22.97
C ALA B 154 -15.21 4.61 -24.21
N ARG B 155 -15.03 5.93 -24.29
CA ARG B 155 -15.60 6.71 -25.38
CA ARG B 155 -15.60 6.78 -25.34
C ARG B 155 -14.59 7.26 -26.39
N ASP B 156 -13.30 7.35 -26.01
CA ASP B 156 -12.30 7.91 -26.93
C ASP B 156 -11.30 6.87 -27.48
N LYS B 157 -11.42 6.57 -28.79
CA LYS B 157 -10.57 5.62 -29.49
C LYS B 157 -9.07 5.92 -29.40
N ARG B 158 -8.66 7.18 -29.69
CA ARG B 158 -7.25 7.55 -29.62
C ARG B 158 -6.72 7.49 -28.18
N PHE B 159 -7.58 7.77 -27.18
CA PHE B 159 -7.17 7.69 -25.77
C PHE B 159 -6.93 6.23 -25.37
N GLN B 160 -7.83 5.34 -25.77
CA GLN B 160 -7.71 3.91 -25.51
C GLN B 160 -6.45 3.34 -26.17
N GLN B 161 -6.16 3.73 -27.43
CA GLN B 161 -4.96 3.25 -28.13
C GLN B 161 -3.69 3.74 -27.43
N PHE B 162 -3.72 4.99 -26.94
CA PHE B 162 -2.59 5.58 -26.24
C PHE B 162 -2.32 4.78 -24.95
N ILE B 163 -3.36 4.55 -24.15
CA ILE B 163 -3.25 3.80 -22.90
C ILE B 163 -2.72 2.39 -23.15
N ARG B 164 -3.31 1.68 -24.11
CA ARG B 164 -2.90 0.32 -24.40
C ARG B 164 -1.45 0.27 -24.89
N LYS B 165 -1.01 1.29 -25.62
CA LYS B 165 0.36 1.36 -26.12
C LYS B 165 1.40 1.56 -24.99
N VAL B 166 1.20 2.58 -24.14
CA VAL B 166 2.20 2.93 -23.12
C VAL B 166 2.17 2.00 -21.91
N THR B 167 1.07 1.24 -21.70
CA THR B 167 0.99 0.28 -20.59
C THR B 167 1.27 -1.18 -21.02
N ARG B 168 1.52 -1.43 -22.31
CA ARG B 168 1.83 -2.76 -22.81
C ARG B 168 3.14 -3.39 -22.22
N PRO B 169 4.25 -2.64 -22.04
CA PRO B 169 5.48 -3.28 -21.51
C PRO B 169 5.29 -3.95 -20.15
N ALA B 170 5.98 -5.08 -19.93
CA ALA B 170 5.85 -5.84 -18.69
C ALA B 170 6.22 -5.00 -17.45
N VAL B 171 7.18 -4.08 -17.57
CA VAL B 171 7.57 -3.25 -16.42
C VAL B 171 6.46 -2.30 -15.96
N LEU B 172 5.40 -2.08 -16.78
CA LEU B 172 4.21 -1.27 -16.43
C LEU B 172 3.03 -2.12 -15.89
N LYS B 173 3.21 -3.42 -15.72
CA LYS B 173 2.12 -4.33 -15.32
C LYS B 173 1.29 -3.85 -14.11
N ARG B 174 1.95 -3.32 -13.07
CA ARG B 174 1.28 -2.82 -11.85
C ARG B 174 0.98 -1.32 -11.90
N HIS B 175 1.29 -0.64 -13.00
CA HIS B 175 1.23 0.81 -13.04
C HIS B 175 0.31 1.42 -14.11
N GLY B 176 -0.91 0.89 -14.24
CA GLY B 176 -1.92 1.56 -15.05
C GLY B 176 -2.34 2.87 -14.36
N VAL B 177 -3.13 3.71 -15.04
CA VAL B 177 -3.54 5.02 -14.48
C VAL B 177 -4.24 4.89 -13.11
N GLN B 178 -5.20 4.00 -12.99
CA GLN B 178 -5.95 3.84 -11.74
C GLN B 178 -5.06 3.26 -10.62
N GLU B 179 -4.14 2.38 -10.97
CA GLU B 179 -3.19 1.76 -10.05
C GLU B 179 -2.24 2.83 -9.52
N CYS B 180 -1.73 3.74 -10.39
CA CYS B 180 -0.83 4.80 -9.92
C CYS B 180 -1.56 5.70 -8.90
N ILE B 181 -2.82 6.07 -9.18
CA ILE B 181 -3.57 6.94 -8.26
C ILE B 181 -3.73 6.29 -6.89
N LEU B 182 -4.08 4.98 -6.84
CA LEU B 182 -4.23 4.32 -5.54
C LEU B 182 -2.87 4.13 -4.84
N LEU B 183 -1.81 3.83 -5.61
CA LEU B 183 -0.46 3.71 -5.03
C LEU B 183 -0.04 5.02 -4.33
N VAL B 184 -0.39 6.16 -4.93
CA VAL B 184 -0.02 7.46 -4.34
C VAL B 184 -0.86 7.70 -3.06
N THR B 185 -2.19 7.51 -3.13
CA THR B 185 -3.07 7.68 -1.97
C THR B 185 -2.64 6.80 -0.79
N GLN B 186 -2.25 5.54 -1.07
CA GLN B 186 -1.84 4.63 0.00
C GLN B 186 -0.45 4.89 0.57
N ARG B 187 0.38 5.66 -0.15
CA ARG B 187 1.77 5.88 0.31
C ARG B 187 1.86 6.47 1.72
N ILE B 188 1.09 7.53 1.98
CA ILE B 188 1.20 8.22 3.26
C ILE B 188 0.85 7.36 4.47
N THR B 189 -0.05 6.36 4.31
CA THR B 189 -0.42 5.50 5.43
C THR B 189 0.59 4.34 5.64
N LYS B 190 1.59 4.19 4.75
CA LYS B 190 2.65 3.20 4.95
C LYS B 190 3.69 3.73 5.96
N TYR B 191 3.89 5.05 6.03
CA TYR B 191 4.97 5.63 6.88
C TYR B 191 4.91 5.23 8.37
N PRO B 192 3.74 5.27 9.07
CA PRO B 192 3.76 4.89 10.50
C PRO B 192 4.18 3.44 10.70
N LEU B 193 3.78 2.53 9.79
CA LEU B 193 4.11 1.11 9.86
CA LEU B 193 4.14 1.12 9.95
C LEU B 193 5.65 0.92 9.79
N LEU B 194 6.28 1.59 8.82
CA LEU B 194 7.73 1.49 8.62
C LEU B 194 8.50 2.14 9.79
N ILE B 195 8.09 3.35 10.20
CA ILE B 195 8.71 4.06 11.30
C ILE B 195 8.58 3.29 12.62
N SER B 196 7.38 2.71 12.93
CA SER B 196 7.22 1.97 14.18
CA SER B 196 7.25 1.96 14.18
CA SER B 196 7.23 1.95 14.18
C SER B 196 8.18 0.75 14.21
N ARG B 197 8.33 0.04 13.07
CA ARG B 197 9.21 -1.11 13.02
C ARG B 197 10.71 -0.69 13.14
N ILE B 198 11.10 0.45 12.53
CA ILE B 198 12.49 0.96 12.68
C ILE B 198 12.72 1.29 14.19
N LEU B 199 11.73 1.93 14.81
CA LEU B 199 11.81 2.32 16.22
C LEU B 199 12.01 1.09 17.12
N GLN B 200 11.29 0.01 16.83
CA GLN B 200 11.40 -1.25 17.56
C GLN B 200 12.86 -1.76 17.67
N HIS B 201 13.67 -1.47 16.65
CA HIS B 201 15.07 -1.88 16.61
C HIS B 201 16.06 -0.71 16.81
N SER B 202 15.62 0.41 17.41
CA SER B 202 16.49 1.58 17.57
C SER B 202 16.61 2.02 19.03
N HIS B 203 16.58 1.05 19.96
CA HIS B 203 16.69 1.39 21.38
C HIS B 203 18.14 1.57 21.89
N GLY B 204 19.14 1.12 21.10
CA GLY B 204 20.56 1.19 21.45
C GLY B 204 21.10 2.58 21.76
N ILE B 205 20.61 3.61 21.03
CA ILE B 205 20.98 5.00 21.28
CA ILE B 205 20.99 4.99 21.27
C ILE B 205 19.72 5.71 21.69
N GLU B 206 19.67 6.22 22.93
CA GLU B 206 18.49 6.88 23.46
C GLU B 206 18.06 8.11 22.64
N GLU B 207 19.02 8.94 22.17
CA GLU B 207 18.69 10.08 21.29
C GLU B 207 17.90 9.59 20.04
N GLU B 208 18.30 8.45 19.45
CA GLU B 208 17.65 7.94 18.23
C GLU B 208 16.25 7.43 18.52
N ARG B 209 16.08 6.71 19.64
CA ARG B 209 14.77 6.23 20.05
C ARG B 209 13.81 7.41 20.25
N GLN B 210 14.29 8.50 20.89
CA GLN B 210 13.49 9.69 21.11
C GLN B 210 13.11 10.38 19.79
N ASP B 211 14.08 10.54 18.88
CA ASP B 211 13.82 11.19 17.59
C ASP B 211 12.81 10.42 16.74
N LEU B 212 12.90 9.09 16.71
CA LEU B 212 11.96 8.27 15.95
C LEU B 212 10.58 8.30 16.60
N THR B 213 10.51 8.38 17.95
CA THR B 213 9.23 8.50 18.63
C THR B 213 8.57 9.86 18.26
N THR B 214 9.39 10.95 18.20
CA THR B 214 8.86 12.24 17.79
C THR B 214 8.38 12.18 16.32
N ALA B 215 9.17 11.58 15.41
CA ALA B 215 8.80 11.51 13.99
C ALA B 215 7.49 10.74 13.81
N LEU B 216 7.33 9.64 14.57
CA LEU B 216 6.12 8.81 14.49
C LEU B 216 4.89 9.66 14.87
N GLY B 217 5.02 10.47 15.93
CA GLY B 217 3.98 11.38 16.38
C GLY B 217 3.63 12.42 15.31
N LEU B 218 4.65 12.99 14.65
CA LEU B 218 4.42 13.97 13.59
C LEU B 218 3.71 13.36 12.36
N VAL B 219 4.11 12.14 11.95
CA VAL B 219 3.45 11.48 10.81
C VAL B 219 1.96 11.24 11.13
N LYS B 220 1.67 10.76 12.33
CA LYS B 220 0.29 10.51 12.75
C LYS B 220 -0.54 11.79 12.78
N GLU B 221 0.03 12.92 13.24
CA GLU B 221 -0.66 14.22 13.26
CA GLU B 221 -0.68 14.19 13.26
C GLU B 221 -0.97 14.62 11.81
N LEU B 222 -0.01 14.44 10.90
CA LEU B 222 -0.17 14.78 9.48
C LEU B 222 -1.32 13.94 8.89
N LEU B 223 -1.28 12.62 9.10
CA LEU B 223 -2.34 11.74 8.60
C LEU B 223 -3.74 12.12 9.13
N SER B 224 -3.85 12.44 10.42
CA SER B 224 -5.15 12.84 10.99
CA SER B 224 -5.13 12.84 11.01
C SER B 224 -5.64 14.14 10.35
N ASN B 225 -4.74 15.08 10.06
CA ASN B 225 -5.09 16.34 9.43
C ASN B 225 -5.55 16.12 7.98
N VAL B 226 -4.82 15.29 7.21
CA VAL B 226 -5.22 14.97 5.84
C VAL B 226 -6.62 14.30 5.83
N ASP B 227 -6.79 13.29 6.70
CA ASP B 227 -8.02 12.51 6.81
C ASP B 227 -9.21 13.43 7.10
N GLU B 228 -9.01 14.44 7.99
CA GLU B 228 -10.06 15.38 8.33
C GLU B 228 -10.33 16.42 7.23
N GLY B 229 -9.42 16.59 6.28
CA GLY B 229 -9.56 17.58 5.22
C GLY B 229 -10.06 17.04 3.89
N ILE B 230 -10.47 15.77 3.85
CA ILE B 230 -10.95 15.13 2.63
C ILE B 230 -12.47 15.18 2.48
N TYR B 231 -12.94 15.56 1.29
CA TYR B 231 -14.33 15.51 0.89
C TYR B 231 -14.27 15.25 -0.62
N GLN B 232 -14.78 14.09 -1.08
CA GLN B 232 -14.67 13.73 -2.50
C GLN B 232 -15.40 14.67 -3.44
N LEU B 233 -14.66 15.22 -4.39
CA LEU B 233 -15.25 16.05 -5.44
C LEU B 233 -15.96 15.15 -6.44
N GLU B 234 -17.03 15.64 -7.03
CA GLU B 234 -17.77 14.86 -8.03
C GLU B 234 -18.15 15.78 -9.17
N LYS B 235 -17.77 15.43 -10.40
CA LYS B 235 -18.11 16.23 -11.58
C LYS B 235 -19.64 16.32 -11.71
N GLY B 236 -20.16 17.54 -11.84
CA GLY B 236 -21.60 17.73 -11.97
C GLY B 236 -22.37 17.70 -10.66
N ALA B 237 -21.68 17.65 -9.51
CA ALA B 237 -22.37 17.66 -8.22
C ALA B 237 -22.98 19.06 -8.03
N ARG B 238 -24.20 19.12 -7.54
CA ARG B 238 -24.89 20.38 -7.33
C ARG B 238 -24.61 20.91 -5.94
N LEU B 239 -24.67 22.24 -5.77
CA LEU B 239 -24.45 22.89 -4.47
CA LEU B 239 -24.43 22.86 -4.47
C LEU B 239 -25.34 22.30 -3.37
N GLN B 240 -26.60 21.99 -3.73
CA GLN B 240 -27.56 21.44 -2.76
C GLN B 240 -27.07 20.12 -2.19
N GLU B 241 -26.49 19.24 -3.03
CA GLU B 241 -25.93 17.97 -2.53
C GLU B 241 -24.73 18.24 -1.62
N ILE B 242 -23.93 19.25 -1.95
CA ILE B 242 -22.76 19.60 -1.14
C ILE B 242 -23.15 20.15 0.23
N TYR B 243 -23.99 21.21 0.32
CA TYR B 243 -24.35 21.75 1.64
C TYR B 243 -25.30 20.86 2.43
N ASN B 244 -25.86 19.79 1.84
CA ASN B 244 -26.67 18.83 2.59
C ASN B 244 -25.82 17.59 2.99
N ARG B 245 -24.47 17.71 3.00
CA ARG B 245 -23.57 16.61 3.34
C ARG B 245 -23.87 16.07 4.74
N1 WZY C . -21.96 3.43 6.25
C4 WZY C . -18.21 3.46 6.68
C5 WZY C . -19.52 3.00 6.67
C6 WZY C . -20.55 3.85 6.29
C7 WZY C . -15.78 4.90 7.37
C8 WZY C . -22.50 2.20 6.78
C1 WZY C . -20.25 5.14 5.92
C2 WZY C . -18.95 5.61 5.94
C3 WZY C . -17.93 4.78 6.34
C9 WZY C . -24.00 1.95 6.65
N2 WZY C . -24.43 0.81 7.46
O1 WZY C . -16.61 5.27 6.31
O2 WZY C . -21.82 1.38 7.32
S DMS D . -13.47 -24.38 6.13
O DMS D . -14.69 -24.58 7.01
C1 DMS D . -13.38 -25.76 4.95
C2 DMS D . -12.04 -24.74 7.17
C FMT E . -22.52 -24.17 6.97
O1 FMT E . -22.37 -24.47 5.77
O2 FMT E . -21.51 -23.79 7.79
C FMT F . 3.43 -8.54 -10.83
O1 FMT F . 2.73 -7.61 -10.43
O2 FMT F . 4.81 -8.48 -11.01
C FMT G . -20.19 -5.42 -8.29
O1 FMT G . -20.15 -4.20 -8.40
O2 FMT G . -20.01 -6.31 -9.30
C FMT H . -12.73 -0.51 11.23
O1 FMT H . -13.18 -0.98 12.26
O2 FMT H . -13.39 -0.50 10.06
C FMT I . -21.71 3.99 -2.61
O1 FMT I . -21.74 4.87 -1.76
O2 FMT I . -20.58 3.52 -3.19
C FMT J . -14.99 5.29 -1.76
O1 FMT J . -15.47 4.57 -2.63
O2 FMT J . -14.92 6.63 -1.82
S DMS K . 32.52 5.97 6.74
O DMS K . 31.37 6.92 6.47
C1 DMS K . 31.82 4.43 7.39
C2 DMS K . 33.31 6.52 8.29
S DMS L . 19.98 0.20 17.40
O DMS L . 19.57 -0.44 18.69
C1 DMS L . 20.52 -1.17 16.34
C2 DMS L . 21.62 0.88 17.72
S DMS M . -14.22 3.24 -28.07
O DMS M . -12.83 3.32 -27.51
C1 DMS M . -14.50 1.52 -28.58
C2 DMS M . -14.21 3.93 -29.74
S DMS N . 24.27 -11.10 12.24
O DMS N . 24.83 -11.35 10.87
C1 DMS N . 25.51 -11.69 13.43
C2 DMS N . 23.07 -12.41 12.56
C FMT O . 24.99 7.05 16.61
O1 FMT O . 25.16 8.19 16.23
O2 FMT O . 23.77 6.48 16.75
C FMT P . 23.61 8.03 9.48
O1 FMT P . 22.60 8.69 9.61
O2 FMT P . 24.58 7.98 10.40
C FMT Q . 6.61 -6.98 10.93
O1 FMT Q . 6.26 -5.84 11.31
O2 FMT Q . 6.39 -7.50 9.68
C FMT R . 1.87 2.88 14.54
O1 FMT R . 2.25 2.76 15.71
O2 FMT R . 1.90 1.90 13.59
C FMT S . -2.05 21.66 -4.35
O1 FMT S . -2.15 21.84 -3.14
O2 FMT S . -1.06 20.93 -4.91
C FMT T . 9.74 18.96 16.39
O1 FMT T . 8.70 18.63 16.96
O2 FMT T . 9.81 19.72 15.27
C FMT U . -15.09 20.20 -8.86
O1 FMT U . -14.54 19.52 -9.70
O2 FMT U . -16.10 19.77 -8.10
C FMT V . 27.40 3.58 16.96
O1 FMT V . 27.07 3.16 18.06
O2 FMT V . 28.26 2.94 16.12
#